data_8PHT
#
_entry.id   8PHT
#
_cell.length_a   1.00
_cell.length_b   1.00
_cell.length_c   1.00
_cell.angle_alpha   90.00
_cell.angle_beta   90.00
_cell.angle_gamma   90.00
#
_symmetry.space_group_name_H-M   'P 1'
#
_entity_poly.entity_id   1
_entity_poly.type   'polypeptide(L)'
_entity_poly.pdbx_seq_one_letter_code
;MTEKEEKEDLQAQDKEEQQIKADTKVISVQEFEEYMRFKEQANSKSKETSRDLSINERITKELAEVEERERIEKQLLLEA
ERINEIDTLAKAHLSNHFNKEVLLAKGYTLKDIMQAQRRELVRKFVPIEQIKAIAKVSDISHIDGEILEQLVSLAKVNIK
LRKNASSSSSSVDSIKGNIAIKSEERASLLDSNFVPINFTEFVQAISNTYKQRRIQFYENLKRHKRTSIA
;
_entity_poly.pdbx_strand_id   A,B,C,D
#
# COMPACT_ATOMS: atom_id res chain seq x y z
N LEU A 53 54.95 41.16 24.19
CA LEU A 53 53.72 40.86 24.93
C LEU A 53 53.54 41.80 26.11
N SER A 54 52.63 42.75 25.98
CA SER A 54 52.36 43.72 27.01
C SER A 54 51.24 43.20 27.93
N ILE A 55 50.74 44.07 28.81
CA ILE A 55 49.72 43.66 29.76
C ILE A 55 48.39 43.36 29.06
N ASN A 56 48.03 44.21 28.10
CA ASN A 56 46.79 43.99 27.34
C ASN A 56 46.82 42.67 26.59
N GLU A 57 47.97 42.33 26.00
CA GLU A 57 48.12 41.06 25.30
C GLU A 57 48.02 39.88 26.25
N ARG A 58 48.38 40.08 27.53
CA ARG A 58 48.19 39.04 28.54
C ARG A 58 46.72 38.89 28.89
N ILE A 59 46.03 40.01 29.11
CA ILE A 59 44.63 39.97 29.52
C ILE A 59 43.77 39.34 28.42
N THR A 60 43.98 39.75 27.16
CA THR A 60 43.15 39.25 26.09
C THR A 60 43.35 37.74 25.90
N LYS A 61 44.60 37.28 26.00
CA LYS A 61 44.87 35.85 25.87
C LYS A 61 44.23 35.08 27.01
N GLU A 62 44.32 35.61 28.24
CA GLU A 62 43.71 34.96 29.39
C GLU A 62 42.20 34.84 29.21
N LEU A 63 41.56 35.93 28.80
CA LEU A 63 40.11 35.93 28.61
C LEU A 63 39.70 34.97 27.50
N ALA A 64 40.45 34.95 26.39
CA ALA A 64 40.12 34.04 25.30
C ALA A 64 40.28 32.58 25.74
N GLU A 65 41.34 32.30 26.50
CA GLU A 65 41.54 30.94 27.01
C GLU A 65 40.39 30.52 27.92
N VAL A 66 39.95 31.43 28.80
CA VAL A 66 38.86 31.12 29.71
C VAL A 66 37.57 30.88 28.93
N GLU A 67 37.28 31.73 27.94
CA GLU A 67 36.06 31.60 27.16
C GLU A 67 36.04 30.31 26.35
N GLU A 68 37.20 29.90 25.82
CA GLU A 68 37.27 28.66 25.07
C GLU A 68 36.89 27.46 25.94
N ARG A 69 37.45 27.42 27.16
CA ARG A 69 37.12 26.32 28.06
C ARG A 69 35.67 26.37 28.49
N GLU A 70 35.11 27.57 28.69
CA GLU A 70 33.69 27.67 29.01
C GLU A 70 32.83 27.13 27.88
N ARG A 71 33.17 27.46 26.64
CA ARG A 71 32.41 26.95 25.49
C ARG A 71 32.53 25.43 25.39
N ILE A 72 33.72 24.90 25.67
CA ILE A 72 33.90 23.44 25.65
C ILE A 72 33.03 22.79 26.72
N GLU A 73 32.97 23.39 27.91
CA GLU A 73 32.13 22.86 28.97
C GLU A 73 30.66 22.89 28.56
N LYS A 74 30.21 23.98 27.96
CA LYS A 74 28.85 24.05 27.45
C LYS A 74 28.58 22.98 26.41
N GLN A 75 29.57 22.70 25.55
CA GLN A 75 29.42 21.65 24.55
C GLN A 75 29.28 20.28 25.21
N LEU A 76 30.05 20.03 26.27
CA LEU A 76 29.92 18.78 27.00
C LEU A 76 28.54 18.63 27.61
N LEU A 77 28.02 19.71 28.20
CA LEU A 77 26.67 19.66 28.75
C LEU A 77 25.65 19.38 27.65
N LEU A 78 25.83 20.01 26.48
CA LEU A 78 24.92 19.78 25.36
C LEU A 78 24.95 18.32 24.93
N GLU A 79 26.14 17.72 24.86
CA GLU A 79 26.25 16.32 24.50
C GLU A 79 25.56 15.43 25.52
N ALA A 80 25.72 15.74 26.81
CA ALA A 80 25.05 14.96 27.85
C ALA A 80 23.53 15.05 27.71
N GLU A 81 23.01 16.24 27.44
CA GLU A 81 21.56 16.39 27.24
C GLU A 81 21.11 15.63 25.99
N ARG A 82 21.93 15.64 24.94
CA ARG A 82 21.58 14.87 23.73
C ARG A 82 21.49 13.39 24.05
N ILE A 83 22.45 12.86 24.82
CA ILE A 83 22.44 11.45 25.17
C ILE A 83 21.20 11.13 26.02
N ASN A 84 20.87 12.01 26.97
CA ASN A 84 19.68 11.79 27.78
C ASN A 84 18.41 11.79 26.94
N GLU A 85 18.31 12.72 25.99
CA GLU A 85 17.13 12.77 25.12
C GLU A 85 17.03 11.50 24.27
N ILE A 86 18.15 11.04 23.72
CA ILE A 86 18.13 9.82 22.92
C ILE A 86 17.69 8.64 23.77
N ASP A 87 18.19 8.55 25.00
CA ASP A 87 17.80 7.47 25.90
C ASP A 87 16.30 7.50 26.17
N THR A 88 15.77 8.68 26.50
CA THR A 88 14.35 8.80 26.80
C THR A 88 13.49 8.43 25.59
N LEU A 89 13.87 8.92 24.40
CA LEU A 89 13.11 8.62 23.19
C LEU A 89 13.14 7.12 22.89
N ALA A 90 14.31 6.50 22.98
CA ALA A 90 14.42 5.07 22.69
C ALA A 90 13.59 4.25 23.67
N LYS A 91 13.61 4.63 24.95
CA LYS A 91 12.82 3.91 25.94
C LYS A 91 11.32 4.08 25.68
N ALA A 92 10.89 5.31 25.41
CA ALA A 92 9.46 5.62 25.37
C ALA A 92 8.79 5.20 24.08
N HIS A 93 9.44 5.35 22.92
CA HIS A 93 8.76 5.20 21.65
C HIS A 93 9.26 4.05 20.78
N LEU A 94 10.40 3.43 21.11
CA LEU A 94 10.96 2.39 20.27
C LEU A 94 11.09 1.10 21.06
N SER A 95 11.16 -0.02 20.32
CA SER A 95 11.13 -1.33 20.92
C SER A 95 12.40 -1.61 21.71
N ASN A 96 12.30 -2.59 22.61
CA ASN A 96 13.42 -3.00 23.45
C ASN A 96 14.62 -3.48 22.66
N HIS A 97 14.40 -4.01 21.44
CA HIS A 97 15.50 -4.53 20.65
C HIS A 97 16.45 -3.43 20.20
N PHE A 98 16.02 -2.17 20.26
CA PHE A 98 16.87 -1.03 19.90
C PHE A 98 17.48 -0.36 21.14
N ASN A 99 17.51 -1.05 22.27
CA ASN A 99 18.20 -0.53 23.43
C ASN A 99 19.69 -0.44 23.17
N LYS A 100 20.37 0.47 23.86
CA LYS A 100 21.78 0.71 23.61
C LYS A 100 22.61 -0.51 23.94
N GLU A 101 22.19 -1.29 24.94
CA GLU A 101 22.96 -2.45 25.37
C GLU A 101 23.07 -3.50 24.27
N VAL A 102 21.93 -3.90 23.71
CA VAL A 102 21.95 -4.94 22.68
C VAL A 102 22.59 -4.42 21.38
N LEU A 103 22.36 -3.16 21.04
CA LEU A 103 23.02 -2.60 19.85
C LEU A 103 24.53 -2.57 20.02
N LEU A 104 25.00 -2.17 21.20
CA LEU A 104 26.43 -2.18 21.48
C LEU A 104 26.97 -3.60 21.47
N ALA A 105 26.17 -4.56 21.91
CA ALA A 105 26.59 -5.96 21.82
C ALA A 105 26.81 -6.39 20.37
N LYS A 106 26.06 -5.78 19.45
CA LYS A 106 26.19 -6.10 18.02
C LYS A 106 27.36 -5.37 17.38
N GLY A 107 28.07 -4.53 18.12
CA GLY A 107 29.23 -3.83 17.59
C GLY A 107 28.89 -2.61 16.76
N TYR A 108 28.21 -1.65 17.38
CA TYR A 108 27.86 -0.39 16.74
C TYR A 108 28.36 0.76 17.61
N THR A 109 28.87 1.81 16.97
CA THR A 109 29.33 2.98 17.70
C THR A 109 28.14 3.69 18.34
N LEU A 110 28.42 4.50 19.37
CA LEU A 110 27.35 5.24 20.02
C LEU A 110 26.62 6.16 19.05
N LYS A 111 27.37 6.89 18.23
CA LYS A 111 26.75 7.81 17.26
C LYS A 111 25.84 7.06 16.31
N ASP A 112 26.25 5.85 15.90
CA ASP A 112 25.41 5.01 15.07
C ASP A 112 24.11 4.68 15.78
N ILE A 113 24.18 4.38 17.08
CA ILE A 113 22.97 4.07 17.84
C ILE A 113 22.05 5.29 17.86
N MET A 114 22.62 6.46 18.12
CA MET A 114 21.83 7.69 18.16
C MET A 114 21.12 7.93 16.83
N GLN A 115 21.86 7.85 15.73
CA GLN A 115 21.26 8.16 14.44
C GLN A 115 20.27 7.09 14.01
N ALA A 116 20.51 5.83 14.40
CA ALA A 116 19.55 4.77 14.12
C ALA A 116 18.24 5.00 14.85
N GLN A 117 18.32 5.36 16.14
CA GLN A 117 17.13 5.70 16.91
C GLN A 117 16.39 6.86 16.28
N ARG A 118 17.14 7.88 15.86
CA ARG A 118 16.52 9.05 15.24
C ARG A 118 15.80 8.69 13.94
N ARG A 119 16.46 7.87 13.10
CA ARG A 119 15.91 7.45 11.82
C ARG A 119 14.64 6.63 12.03
N GLU A 120 14.65 5.76 13.05
CA GLU A 120 13.47 4.98 13.38
C GLU A 120 12.34 5.85 13.91
N LEU A 121 12.64 6.83 14.75
CA LEU A 121 11.61 7.74 15.25
C LEU A 121 10.97 8.53 14.12
N VAL A 122 11.78 8.99 13.16
CA VAL A 122 11.23 9.76 12.05
C VAL A 122 10.27 8.92 11.23
N ARG A 123 10.64 7.68 10.94
CA ARG A 123 9.73 6.80 10.20
C ARG A 123 8.48 6.49 11.00
N LYS A 124 8.61 6.27 12.31
CA LYS A 124 7.47 5.94 13.14
C LYS A 124 6.48 7.10 13.22
N PHE A 125 6.97 8.32 13.39
CA PHE A 125 6.10 9.47 13.64
C PHE A 125 5.91 10.34 12.40
N VAL A 126 7.01 10.83 11.83
CA VAL A 126 6.91 11.76 10.70
C VAL A 126 6.35 11.03 9.48
N PRO A 127 5.33 11.56 8.81
CA PRO A 127 4.79 10.91 7.62
C PRO A 127 5.80 10.92 6.48
N ILE A 128 5.56 10.01 5.52
CA ILE A 128 6.48 9.85 4.41
C ILE A 128 6.53 11.10 3.53
N GLU A 129 5.40 11.81 3.39
CA GLU A 129 5.38 13.01 2.57
C GLU A 129 6.24 14.11 3.18
N GLN A 130 6.19 14.27 4.50
CA GLN A 130 7.03 15.26 5.16
C GLN A 130 8.51 14.92 4.99
N ILE A 131 8.86 13.64 5.02
CA ILE A 131 10.24 13.23 4.78
C ILE A 131 10.64 13.55 3.35
N LYS A 132 9.78 13.22 2.38
CA LYS A 132 10.06 13.50 0.98
C LYS A 132 10.13 14.99 0.68
N ALA A 133 9.51 15.83 1.51
CA ALA A 133 9.55 17.28 1.33
C ALA A 133 10.76 17.91 1.99
N ILE A 134 10.90 17.71 3.30
CA ILE A 134 11.99 18.34 4.06
C ILE A 134 13.32 17.73 3.67
N ALA A 135 13.41 16.40 3.64
CA ALA A 135 14.66 15.72 3.32
C ALA A 135 14.85 15.52 1.82
N LYS A 136 13.84 15.83 1.00
CA LYS A 136 13.88 15.78 -0.46
C LYS A 136 13.95 14.36 -1.00
N VAL A 137 14.11 13.35 -0.15
CA VAL A 137 14.14 11.96 -0.56
C VAL A 137 13.35 11.12 0.43
N SER A 138 12.93 9.93 -0.03
CA SER A 138 12.19 9.02 0.84
C SER A 138 13.11 8.30 1.82
N ASP A 139 14.26 7.84 1.35
CA ASP A 139 15.17 7.07 2.19
C ASP A 139 15.90 7.97 3.17
N ILE A 140 15.93 7.55 4.44
CA ILE A 140 16.67 8.25 5.48
C ILE A 140 18.01 7.58 5.78
N SER A 141 18.41 6.59 4.98
CA SER A 141 19.66 5.88 5.20
C SER A 141 20.89 6.77 5.04
N HIS A 142 20.79 7.89 4.33
CA HIS A 142 21.93 8.77 4.11
C HIS A 142 21.55 10.22 4.37
N ILE A 143 20.74 10.46 5.41
CA ILE A 143 20.31 11.80 5.77
C ILE A 143 20.71 12.17 7.20
N ASP A 144 21.63 11.43 7.80
CA ASP A 144 22.09 11.78 9.14
C ASP A 144 22.76 13.14 9.13
N GLY A 145 22.42 13.98 10.11
CA GLY A 145 23.00 15.31 10.22
C GLY A 145 22.02 16.38 10.64
N GLU A 146 22.24 17.61 10.16
CA GLU A 146 21.35 18.71 10.51
C GLU A 146 19.94 18.47 9.98
N ILE A 147 19.82 17.91 8.77
CA ILE A 147 18.52 17.56 8.24
C ILE A 147 17.86 16.51 9.14
N LEU A 148 18.67 15.57 9.65
CA LEU A 148 18.15 14.60 10.62
C LEU A 148 17.70 15.30 11.89
N GLU A 149 18.40 16.36 12.31
CA GLU A 149 17.97 17.12 13.48
C GLU A 149 16.63 17.78 13.24
N GLN A 150 16.44 18.37 12.05
CA GLN A 150 15.14 18.95 11.72
C GLN A 150 14.06 17.88 11.70
N LEU A 151 14.37 16.70 11.16
CA LEU A 151 13.40 15.61 11.10
C LEU A 151 13.00 15.14 12.50
N VAL A 152 13.97 15.04 13.41
CA VAL A 152 13.64 14.60 14.76
C VAL A 152 12.91 15.70 15.52
N SER A 153 13.18 16.97 15.21
CA SER A 153 12.36 18.05 15.77
C SER A 153 10.92 17.93 15.31
N LEU A 154 10.72 17.63 14.02
CA LEU A 154 9.36 17.41 13.52
C LEU A 154 8.71 16.20 14.18
N ALA A 155 9.50 15.15 14.43
CA ALA A 155 8.98 13.98 15.12
C ALA A 155 8.57 14.30 16.55
N LYS A 156 9.36 15.14 17.23
CA LYS A 156 8.98 15.59 18.56
C LYS A 156 7.69 16.39 18.52
N VAL A 157 7.54 17.25 17.52
CA VAL A 157 6.28 17.99 17.36
C VAL A 157 5.12 17.02 17.14
N ASN A 158 5.36 15.98 16.32
CA ASN A 158 4.31 15.01 16.02
C ASN A 158 3.89 14.26 17.28
N ILE A 159 4.86 13.84 18.10
CA ILE A 159 4.52 13.11 19.32
C ILE A 159 3.86 14.04 20.34
N LYS A 160 4.24 15.31 20.35
CA LYS A 160 3.56 16.27 21.24
C LYS A 160 2.11 16.46 20.84
N LEU A 161 1.85 16.61 19.54
CA LEU A 161 0.47 16.82 19.10
C LEU A 161 -0.34 15.54 19.19
N ARG A 162 0.31 14.37 19.10
CA ARG A 162 -0.40 13.11 19.20
C ARG A 162 -1.02 12.92 20.58
N LYS A 163 -0.31 13.30 21.63
CA LYS A 163 -0.81 13.16 22.99
C LYS A 163 -1.94 14.14 23.26
N VAL B 66 24.43 34.60 -26.73
CA VAL B 66 23.10 35.13 -26.46
C VAL B 66 22.29 34.12 -25.66
N GLU B 67 22.78 32.87 -25.61
CA GLU B 67 22.10 31.83 -24.86
C GLU B 67 22.17 32.07 -23.35
N GLU B 68 23.14 32.85 -22.88
CA GLU B 68 23.17 33.23 -21.47
C GLU B 68 21.91 34.01 -21.10
N ARG B 69 21.54 34.99 -21.93
CA ARG B 69 20.28 35.69 -21.73
C ARG B 69 19.08 34.77 -21.92
N GLU B 70 19.20 33.75 -22.78
CA GLU B 70 18.12 32.80 -22.94
C GLU B 70 17.88 32.04 -21.63
N ARG B 71 18.94 31.57 -20.97
CA ARG B 71 18.78 30.89 -19.70
C ARG B 71 18.35 31.84 -18.60
N ILE B 72 18.80 33.11 -18.65
CA ILE B 72 18.30 34.11 -17.72
C ILE B 72 16.79 34.27 -17.87
N GLU B 73 16.31 34.30 -19.11
CA GLU B 73 14.88 34.40 -19.37
C GLU B 73 14.15 33.14 -18.91
N LYS B 74 14.80 31.98 -19.05
CA LYS B 74 14.26 30.74 -18.50
C LYS B 74 14.01 30.86 -17.00
N GLN B 75 15.03 31.32 -16.27
CA GLN B 75 14.89 31.49 -14.83
C GLN B 75 13.86 32.56 -14.49
N LEU B 76 13.78 33.61 -15.33
CA LEU B 76 12.77 34.65 -15.15
C LEU B 76 11.37 34.04 -15.24
N LEU B 77 11.14 33.20 -16.26
CA LEU B 77 9.85 32.54 -16.40
C LEU B 77 9.58 31.61 -15.23
N LEU B 78 10.61 30.91 -14.75
CA LEU B 78 10.44 30.01 -13.62
C LEU B 78 9.96 30.77 -12.38
N GLU B 79 10.67 31.85 -12.04
CA GLU B 79 10.25 32.62 -10.87
C GLU B 79 8.93 33.35 -11.09
N ALA B 80 8.63 33.76 -12.32
CA ALA B 80 7.33 34.37 -12.59
C ALA B 80 6.20 33.37 -12.39
N GLU B 81 6.39 32.13 -12.84
CA GLU B 81 5.39 31.11 -12.61
C GLU B 81 5.24 30.80 -11.12
N ARG B 82 6.36 30.75 -10.39
CA ARG B 82 6.29 30.55 -8.95
C ARG B 82 5.50 31.67 -8.28
N ILE B 83 5.78 32.92 -8.69
CA ILE B 83 5.08 34.08 -8.14
C ILE B 83 3.59 34.00 -8.45
N ASN B 84 3.24 33.65 -9.68
CA ASN B 84 1.85 33.54 -10.09
C ASN B 84 1.13 32.49 -9.27
N GLU B 85 1.76 31.31 -9.10
CA GLU B 85 1.14 30.26 -8.31
C GLU B 85 0.94 30.70 -6.87
N ILE B 86 1.96 31.33 -6.28
CA ILE B 86 1.87 31.80 -4.90
C ILE B 86 0.73 32.79 -4.77
N ASP B 87 0.64 33.74 -5.70
CA ASP B 87 -0.40 34.76 -5.64
C ASP B 87 -1.78 34.14 -5.76
N THR B 88 -1.96 33.24 -6.73
CA THR B 88 -3.26 32.63 -6.95
C THR B 88 -3.71 31.82 -5.74
N LEU B 89 -2.81 31.05 -5.14
CA LEU B 89 -3.20 30.26 -3.98
C LEU B 89 -3.40 31.16 -2.76
N ALA B 90 -2.68 32.29 -2.68
CA ALA B 90 -2.81 33.18 -1.54
C ALA B 90 -4.13 33.93 -1.56
N LYS B 91 -4.56 34.38 -2.73
CA LYS B 91 -5.78 35.18 -2.84
C LYS B 91 -6.99 34.42 -2.32
N ALA B 92 -7.08 33.14 -2.64
CA ALA B 92 -8.21 32.32 -2.22
C ALA B 92 -8.06 31.80 -0.79
N HIS B 93 -6.95 32.06 -0.12
CA HIS B 93 -6.71 31.52 1.21
C HIS B 93 -6.57 32.57 2.30
N LEU B 94 -5.82 33.63 2.10
CA LEU B 94 -5.51 34.54 3.20
C LEU B 94 -6.50 35.69 3.33
N SER B 95 -6.52 36.58 2.33
CA SER B 95 -7.35 37.77 2.36
C SER B 95 -7.14 38.56 1.08
N ASN B 96 -8.05 39.49 0.83
CA ASN B 96 -7.87 40.45 -0.25
C ASN B 96 -6.99 41.63 0.15
N HIS B 97 -6.75 41.82 1.45
CA HIS B 97 -5.91 42.92 1.93
C HIS B 97 -4.47 42.79 1.46
N PHE B 98 -4.01 41.58 1.18
CA PHE B 98 -2.65 41.33 0.74
C PHE B 98 -2.55 41.16 -0.77
N ASN B 99 -3.49 41.72 -1.51
CA ASN B 99 -3.43 41.69 -2.97
C ASN B 99 -2.23 42.49 -3.46
N LYS B 100 -1.69 42.08 -4.61
CA LYS B 100 -0.48 42.72 -5.14
C LYS B 100 -0.68 44.21 -5.38
N GLU B 101 -1.87 44.61 -5.83
CA GLU B 101 -2.10 46.01 -6.14
C GLU B 101 -2.06 46.88 -4.90
N VAL B 102 -2.78 46.50 -3.84
CA VAL B 102 -2.80 47.31 -2.63
C VAL B 102 -1.45 47.27 -1.93
N LEU B 103 -0.76 46.12 -1.96
CA LEU B 103 0.57 46.03 -1.37
C LEU B 103 1.55 46.93 -2.11
N LEU B 104 1.47 46.97 -3.44
CA LEU B 104 2.30 47.90 -4.22
C LEU B 104 1.96 49.34 -3.89
N ALA B 105 0.66 49.63 -3.70
CA ALA B 105 0.25 50.99 -3.35
C ALA B 105 0.82 51.40 -2.00
N LYS B 106 0.86 50.48 -1.04
CA LYS B 106 1.44 50.77 0.26
C LYS B 106 2.94 50.96 0.23
N GLY B 107 3.59 50.64 -0.89
CA GLY B 107 5.01 50.88 -1.04
C GLY B 107 5.89 49.70 -0.67
N TYR B 108 5.61 48.53 -1.24
CA TYR B 108 6.42 47.35 -1.04
C TYR B 108 6.92 46.84 -2.39
N THR B 109 8.19 46.44 -2.43
CA THR B 109 8.75 45.88 -3.65
C THR B 109 8.17 44.51 -3.93
N LEU B 110 8.32 44.07 -5.19
CA LEU B 110 7.71 42.80 -5.61
C LEU B 110 8.25 41.63 -4.81
N LYS B 111 9.57 41.57 -4.63
CA LYS B 111 10.16 40.49 -3.83
C LYS B 111 9.71 40.58 -2.38
N ASP B 112 9.62 41.79 -1.84
CA ASP B 112 9.11 41.97 -0.49
C ASP B 112 7.66 41.50 -0.39
N ILE B 113 6.85 41.81 -1.40
CA ILE B 113 5.47 41.34 -1.41
C ILE B 113 5.42 39.83 -1.42
N MET B 114 6.24 39.19 -2.25
CA MET B 114 6.23 37.73 -2.36
C MET B 114 6.67 37.09 -1.04
N GLN B 115 7.72 37.61 -0.41
CA GLN B 115 8.19 37.01 0.83
C GLN B 115 7.19 37.23 1.96
N ALA B 116 6.55 38.41 2.00
CA ALA B 116 5.51 38.64 3.00
C ALA B 116 4.35 37.69 2.82
N GLN B 117 3.92 37.48 1.57
CA GLN B 117 2.85 36.52 1.32
C GLN B 117 3.27 35.11 1.72
N ARG B 118 4.52 34.73 1.45
CA ARG B 118 5.00 33.42 1.87
C ARG B 118 4.96 33.26 3.37
N ARG B 119 5.43 34.28 4.11
CA ARG B 119 5.42 34.22 5.56
C ARG B 119 4.00 34.13 6.10
N GLU B 120 3.07 34.89 5.51
CA GLU B 120 1.68 34.78 5.91
C GLU B 120 1.12 33.38 5.65
N LEU B 121 1.51 32.79 4.51
CA LEU B 121 1.11 31.42 4.18
C LEU B 121 1.60 30.45 5.25
N VAL B 122 2.85 30.61 5.68
CA VAL B 122 3.39 29.76 6.73
C VAL B 122 2.62 29.99 8.04
N ARG B 123 2.19 31.23 8.28
CA ARG B 123 1.47 31.58 9.49
C ARG B 123 0.01 31.13 9.45
N LYS B 124 -0.38 30.43 8.39
CA LYS B 124 -1.76 29.97 8.27
C LYS B 124 -1.83 28.45 8.29
N PHE B 125 -0.99 27.78 7.51
CA PHE B 125 -1.04 26.33 7.40
C PHE B 125 -0.06 25.67 8.37
N VAL B 126 1.20 26.07 8.32
CA VAL B 126 2.23 25.48 9.17
C VAL B 126 1.94 25.82 10.63
N PRO B 127 1.83 24.82 11.51
CA PRO B 127 1.62 25.12 12.92
C PRO B 127 2.87 25.72 13.56
N ILE B 128 2.65 26.41 14.68
CA ILE B 128 3.72 27.21 15.29
C ILE B 128 4.85 26.32 15.78
N GLU B 129 4.53 25.12 16.28
CA GLU B 129 5.54 24.25 16.89
C GLU B 129 6.64 23.88 15.90
N GLN B 130 6.26 23.58 14.66
CA GLN B 130 7.26 23.31 13.63
C GLN B 130 8.15 24.52 13.40
N ILE B 131 7.57 25.72 13.48
CA ILE B 131 8.34 26.94 13.23
C ILE B 131 9.44 27.10 14.27
N LYS B 132 9.12 26.88 15.53
CA LYS B 132 10.13 27.02 16.58
C LYS B 132 11.03 25.80 16.72
N ALA B 133 10.79 24.75 15.93
CA ALA B 133 11.65 23.57 15.96
C ALA B 133 12.42 23.43 14.66
N ILE B 134 11.70 23.36 13.54
CA ILE B 134 12.36 23.22 12.24
C ILE B 134 13.06 24.52 11.87
N ALA B 135 12.38 25.65 12.02
CA ALA B 135 12.96 26.95 11.71
C ALA B 135 13.66 27.58 12.91
N LYS B 136 13.60 26.95 14.07
CA LYS B 136 14.36 27.31 15.26
C LYS B 136 13.92 28.64 15.89
N VAL B 137 12.97 29.34 15.28
CA VAL B 137 12.49 30.60 15.83
C VAL B 137 10.97 30.64 15.66
N SER B 138 10.30 31.25 16.64
CA SER B 138 8.85 31.40 16.55
C SER B 138 8.47 32.46 15.52
N ASP B 139 9.25 33.54 15.44
CA ASP B 139 8.95 34.65 14.54
C ASP B 139 9.50 34.34 13.14
N ILE B 140 8.60 34.22 12.17
CA ILE B 140 9.02 34.06 10.78
C ILE B 140 9.50 35.39 10.21
N SER B 141 9.48 36.45 11.02
CA SER B 141 9.89 37.77 10.55
C SER B 141 11.30 37.80 9.98
N HIS B 142 12.24 37.09 10.60
CA HIS B 142 13.59 36.94 10.05
C HIS B 142 13.99 35.47 10.09
N ILE B 143 13.55 34.70 9.09
CA ILE B 143 14.02 33.34 8.92
C ILE B 143 14.30 33.09 7.43
N ASP B 144 14.04 34.11 6.61
CA ASP B 144 14.00 33.97 5.15
C ASP B 144 15.23 33.26 4.58
N GLY B 145 15.00 32.48 3.51
CA GLY B 145 16.03 31.66 2.90
C GLY B 145 15.53 30.26 2.63
N GLU B 146 16.46 29.30 2.68
CA GLU B 146 16.10 27.91 2.46
C GLU B 146 15.14 27.39 3.53
N ILE B 147 15.27 27.90 4.76
CA ILE B 147 14.33 27.52 5.81
C ILE B 147 12.93 27.98 5.46
N LEU B 148 12.81 29.17 4.86
CA LEU B 148 11.52 29.62 4.37
C LEU B 148 11.00 28.72 3.26
N GLU B 149 11.90 28.20 2.42
CA GLU B 149 11.49 27.25 1.39
C GLU B 149 10.93 25.98 2.02
N GLN B 150 11.58 25.47 3.06
CA GLN B 150 11.07 24.30 3.76
C GLN B 150 9.71 24.60 4.39
N LEU B 151 9.58 25.79 4.96
CA LEU B 151 8.31 26.18 5.59
C LEU B 151 7.18 26.25 4.58
N VAL B 152 7.43 26.83 3.40
CA VAL B 152 6.38 26.93 2.40
C VAL B 152 6.08 25.56 1.80
N SER B 153 7.08 24.69 1.72
CA SER B 153 6.81 23.32 1.29
C SER B 153 5.90 22.61 2.28
N LEU B 154 6.16 22.78 3.58
CA LEU B 154 5.29 22.18 4.59
C LEU B 154 3.90 22.78 4.53
N ALA B 155 3.80 24.09 4.25
CA ALA B 155 2.50 24.72 4.09
C ALA B 155 1.75 24.14 2.90
N LYS B 156 2.46 23.87 1.80
CA LYS B 156 1.84 23.22 0.65
C LYS B 156 1.33 21.83 1.02
N VAL B 157 2.12 21.09 1.79
CA VAL B 157 1.66 19.77 2.24
C VAL B 157 0.41 19.91 3.11
N ASN B 158 0.40 20.91 3.99
CA ASN B 158 -0.74 21.12 4.88
C ASN B 158 -2.00 21.48 4.10
N ILE B 159 -1.89 22.36 3.11
CA ILE B 159 -3.06 22.73 2.34
C ILE B 159 -3.50 21.56 1.45
N LYS B 160 -2.55 20.71 1.02
CA LYS B 160 -2.92 19.50 0.29
C LYS B 160 -3.75 18.57 1.17
N LEU B 161 -3.32 18.36 2.41
CA LEU B 161 -4.08 17.48 3.30
C LEU B 161 -5.32 18.17 3.85
N ARG B 162 -5.37 19.50 3.79
CA ARG B 162 -6.53 20.24 4.28
C ARG B 162 -7.70 20.10 3.34
N LEU C 53 26.50 -4.90 6.65
CA LEU C 53 25.23 -5.16 7.33
C LEU C 53 25.01 -4.19 8.48
N SER C 54 24.12 -3.23 8.27
CA SER C 54 23.81 -2.24 9.28
C SER C 54 22.65 -2.72 10.15
N ILE C 55 22.11 -1.81 10.97
CA ILE C 55 21.03 -2.19 11.90
C ILE C 55 19.75 -2.49 11.13
N ASN C 56 19.44 -1.66 10.12
CA ASN C 56 18.24 -1.88 9.32
C ASN C 56 18.29 -3.23 8.60
N GLU C 57 19.47 -3.59 8.07
CA GLU C 57 19.63 -4.88 7.42
C GLU C 57 19.46 -6.04 8.40
N ARG C 58 19.77 -5.81 9.68
CA ARG C 58 19.51 -6.82 10.71
C ARG C 58 18.02 -6.94 10.99
N ILE C 59 17.34 -5.80 11.15
CA ILE C 59 15.92 -5.82 11.48
C ILE C 59 15.10 -6.46 10.36
N THR C 60 15.38 -6.09 9.11
CA THR C 60 14.60 -6.62 8.01
C THR C 60 14.80 -8.13 7.86
N LYS C 61 16.03 -8.60 8.04
CA LYS C 61 16.28 -10.03 7.96
C LYS C 61 15.58 -10.77 9.09
N GLU C 62 15.61 -10.21 10.30
CA GLU C 62 14.93 -10.82 11.44
C GLU C 62 13.43 -10.93 11.19
N LEU C 63 12.82 -9.84 10.71
CA LEU C 63 11.39 -9.83 10.46
C LEU C 63 11.03 -10.82 9.35
N ALA C 64 11.83 -10.87 8.28
CA ALA C 64 11.55 -11.80 7.20
C ALA C 64 11.66 -13.25 7.67
N GLU C 65 12.68 -13.53 8.50
CA GLU C 65 12.83 -14.87 9.05
C GLU C 65 11.63 -15.25 9.91
N VAL C 66 11.17 -14.32 10.75
CA VAL C 66 10.02 -14.59 11.60
C VAL C 66 8.77 -14.84 10.77
N GLU C 67 8.54 -14.01 9.75
CA GLU C 67 7.36 -14.14 8.90
C GLU C 67 7.38 -15.46 8.13
N GLU C 68 8.54 -15.89 7.67
CA GLU C 68 8.64 -17.15 6.95
C GLU C 68 8.20 -18.32 7.83
N ARG C 69 8.70 -18.34 9.08
CA ARG C 69 8.31 -19.41 9.99
C ARG C 69 6.83 -19.33 10.34
N GLU C 70 6.29 -18.12 10.49
CA GLU C 70 4.85 -18.00 10.74
C GLU C 70 4.04 -18.55 9.58
N ARG C 71 4.44 -18.25 8.34
CA ARG C 71 3.74 -18.79 7.18
C ARG C 71 3.84 -20.31 7.11
N ILE C 72 5.01 -20.85 7.46
CA ILE C 72 5.17 -22.31 7.50
C ILE C 72 4.23 -22.92 8.53
N GLU C 73 4.13 -22.29 9.70
CA GLU C 73 3.23 -22.79 10.74
C GLU C 73 1.79 -22.75 10.26
N LYS C 74 1.38 -21.66 9.60
CA LYS C 74 0.04 -21.59 9.03
C LYS C 74 -0.18 -22.69 8.00
N GLN C 75 0.84 -22.99 7.19
CA GLN C 75 0.73 -24.07 6.21
C GLN C 75 0.53 -25.41 6.90
N LEU C 76 1.24 -25.65 8.00
CA LEU C 76 1.07 -26.89 8.75
C LEU C 76 -0.35 -27.01 9.31
N LEU C 77 -0.88 -25.90 9.85
CA LEU C 77 -2.26 -25.92 10.32
C LEU C 77 -3.23 -26.21 9.17
N LEU C 78 -2.98 -25.62 8.00
CA LEU C 78 -3.83 -25.87 6.85
C LEU C 78 -3.80 -27.34 6.45
N GLU C 79 -2.62 -27.95 6.45
CA GLU C 79 -2.51 -29.37 6.13
C GLU C 79 -3.27 -30.21 7.15
N ALA C 80 -3.16 -29.87 8.43
CA ALA C 80 -3.89 -30.62 9.45
C ALA C 80 -5.40 -30.52 9.23
N GLU C 81 -5.89 -29.32 8.92
CA GLU C 81 -7.32 -29.16 8.63
C GLU C 81 -7.72 -29.95 7.38
N ARG C 82 -6.85 -29.98 6.37
CA ARG C 82 -7.15 -30.77 5.18
C ARG C 82 -7.27 -32.25 5.52
N ILE C 83 -6.36 -32.76 6.35
CA ILE C 83 -6.43 -34.17 6.74
C ILE C 83 -7.70 -34.44 7.53
N ASN C 84 -8.07 -33.53 8.44
CA ASN C 84 -9.30 -33.72 9.20
C ASN C 84 -10.52 -33.73 8.29
N GLU C 85 -10.56 -32.82 7.32
CA GLU C 85 -11.69 -32.78 6.38
C GLU C 85 -11.78 -34.07 5.57
N ILE C 86 -10.63 -34.56 5.09
CA ILE C 86 -10.63 -35.80 4.31
C ILE C 86 -11.14 -36.95 5.17
N ASP C 87 -10.69 -37.01 6.42
CA ASP C 87 -11.14 -38.06 7.33
C ASP C 87 -12.65 -38.01 7.52
N THR C 88 -13.18 -36.82 7.81
CA THR C 88 -14.61 -36.67 8.02
C THR C 88 -15.41 -37.06 6.77
N LEU C 89 -14.96 -36.61 5.60
CA LEU C 89 -15.68 -36.93 4.37
C LEU C 89 -15.66 -38.43 4.10
N ALA C 90 -14.50 -39.07 4.27
CA ALA C 90 -14.40 -40.50 4.02
C ALA C 90 -15.28 -41.29 4.97
N LYS C 91 -15.31 -40.88 6.24
CA LYS C 91 -16.17 -41.56 7.21
C LYS C 91 -17.64 -41.38 6.87
N ALA C 92 -18.05 -40.15 6.55
CA ALA C 92 -19.46 -39.83 6.42
C ALA C 92 -20.08 -40.27 5.11
N HIS C 93 -19.37 -40.16 3.98
CA HIS C 93 -19.99 -40.34 2.68
C HIS C 93 -19.46 -41.51 1.87
N LEU C 94 -18.35 -42.13 2.28
CA LEU C 94 -17.76 -43.20 1.49
C LEU C 94 -17.68 -44.48 2.31
N SER C 95 -17.60 -45.61 1.61
CA SER C 95 -17.68 -46.92 2.24
C SER C 95 -16.45 -47.19 3.11
N ASN C 96 -16.62 -48.14 4.03
CA ASN C 96 -15.54 -48.54 4.93
C ASN C 96 -14.31 -49.05 4.20
N HIS C 97 -14.47 -49.61 3.00
CA HIS C 97 -13.34 -50.16 2.27
C HIS C 97 -12.35 -49.09 1.83
N PHE C 98 -12.77 -47.82 1.85
CA PHE C 98 -11.89 -46.70 1.51
C PHE C 98 -11.33 -46.01 2.75
N ASN C 99 -11.37 -46.67 3.90
CA ASN C 99 -10.72 -46.14 5.09
C ASN C 99 -9.21 -46.07 4.90
N LYS C 100 -8.57 -45.14 5.61
CA LYS C 100 -7.14 -44.93 5.42
C LYS C 100 -6.35 -46.16 5.81
N GLU C 101 -6.83 -46.90 6.81
CA GLU C 101 -6.10 -48.06 7.31
C GLU C 101 -5.94 -49.14 6.24
N VAL C 102 -7.05 -49.55 5.63
CA VAL C 102 -7.00 -50.61 4.62
C VAL C 102 -6.30 -50.14 3.36
N LEU C 103 -6.49 -48.87 2.97
CA LEU C 103 -5.77 -48.35 1.80
C LEU C 103 -4.27 -48.33 2.05
N LEU C 104 -3.85 -47.91 3.24
CA LEU C 104 -2.44 -47.93 3.60
C LEU C 104 -1.91 -49.36 3.64
N ALA C 105 -2.75 -50.30 4.06
CA ALA C 105 -2.34 -51.71 4.03
C ALA C 105 -2.06 -52.17 2.61
N LYS C 106 -2.75 -51.58 1.63
CA LYS C 106 -2.55 -51.94 0.23
C LYS C 106 -1.34 -51.23 -0.38
N GLY C 107 -0.66 -50.38 0.37
CA GLY C 107 0.53 -49.72 -0.12
C GLY C 107 0.25 -48.51 -0.98
N TYR C 108 -0.44 -47.53 -0.42
CA TYR C 108 -0.74 -46.28 -1.11
C TYR C 108 -0.27 -45.12 -0.25
N THR C 109 0.28 -44.09 -0.89
CA THR C 109 0.72 -42.90 -0.16
C THR C 109 -0.49 -42.17 0.40
N LEU C 110 -0.25 -41.34 1.42
CA LEU C 110 -1.34 -40.56 2.01
C LEU C 110 -2.01 -39.66 0.97
N LYS C 111 -1.21 -38.96 0.16
CA LYS C 111 -1.76 -38.07 -0.85
C LYS C 111 -2.65 -38.82 -1.83
N ASP C 112 -2.23 -40.04 -2.19
CA ASP C 112 -3.03 -40.90 -3.05
C ASP C 112 -4.37 -41.20 -2.39
N ILE C 113 -4.37 -41.46 -1.08
CA ILE C 113 -5.61 -41.73 -0.37
C ILE C 113 -6.52 -40.51 -0.42
N MET C 114 -5.95 -39.33 -0.16
CA MET C 114 -6.73 -38.09 -0.20
C MET C 114 -7.37 -37.88 -1.57
N GLN C 115 -6.58 -37.99 -2.64
CA GLN C 115 -7.10 -37.71 -3.96
C GLN C 115 -8.09 -38.78 -4.40
N ALA C 116 -7.89 -40.03 -3.97
CA ALA C 116 -8.85 -41.09 -4.28
C ALA C 116 -10.19 -40.82 -3.62
N GLN C 117 -10.16 -40.43 -2.33
CA GLN C 117 -11.38 -40.06 -1.63
C GLN C 117 -12.08 -38.89 -2.33
N ARG C 118 -11.30 -37.90 -2.74
CA ARG C 118 -11.86 -36.74 -3.43
C ARG C 118 -12.52 -37.14 -4.74
N ARG C 119 -11.84 -37.97 -5.53
CA ARG C 119 -12.33 -38.42 -6.82
C ARG C 119 -13.61 -39.22 -6.65
N GLU C 120 -13.67 -40.06 -5.62
CA GLU C 120 -14.87 -40.82 -5.33
C GLU C 120 -16.03 -39.93 -4.87
N LEU C 121 -15.75 -38.92 -4.04
CA LEU C 121 -16.79 -38.00 -3.62
C LEU C 121 -17.36 -37.23 -4.80
N VAL C 122 -16.49 -36.81 -5.73
CA VAL C 122 -16.97 -36.05 -6.88
C VAL C 122 -17.91 -36.90 -7.73
N ARG C 123 -17.54 -38.16 -7.96
CA ARG C 123 -18.43 -39.04 -8.73
C ARG C 123 -19.73 -39.31 -7.98
N LYS C 124 -19.64 -39.49 -6.67
CA LYS C 124 -20.84 -39.79 -5.89
C LYS C 124 -21.82 -38.62 -5.90
N PHE C 125 -21.31 -37.40 -5.73
CA PHE C 125 -22.18 -36.24 -5.54
C PHE C 125 -22.30 -35.39 -6.81
N VAL C 126 -21.17 -34.93 -7.34
CA VAL C 126 -21.19 -34.03 -8.50
C VAL C 126 -21.71 -34.79 -9.72
N PRO C 127 -22.68 -34.25 -10.46
CA PRO C 127 -23.17 -34.94 -11.66
C PRO C 127 -22.11 -34.97 -12.75
N ILE C 128 -22.31 -35.89 -13.70
CA ILE C 128 -21.34 -36.09 -14.76
C ILE C 128 -21.23 -34.86 -15.66
N GLU C 129 -22.35 -34.15 -15.88
CA GLU C 129 -22.31 -32.97 -16.72
C GLU C 129 -21.46 -31.87 -16.09
N GLN C 130 -21.57 -31.67 -14.78
CA GLN C 130 -20.75 -30.67 -14.10
C GLN C 130 -19.27 -31.04 -14.19
N ILE C 131 -18.94 -32.33 -14.12
CA ILE C 131 -17.55 -32.75 -14.28
C ILE C 131 -17.08 -32.47 -15.70
N LYS C 132 -17.89 -32.82 -16.70
CA LYS C 132 -17.54 -32.58 -18.09
C LYS C 132 -17.44 -31.09 -18.42
N ALA C 133 -18.09 -30.24 -17.64
CA ALA C 133 -18.02 -28.79 -17.87
C ALA C 133 -16.84 -28.15 -17.15
N ILE C 134 -16.76 -28.32 -15.84
CA ILE C 134 -15.70 -27.69 -15.04
C ILE C 134 -14.36 -28.32 -15.34
N ALA C 135 -14.29 -29.65 -15.34
CA ALA C 135 -13.05 -30.35 -15.58
C ALA C 135 -12.77 -30.60 -17.06
N LYS C 136 -13.73 -30.29 -17.93
CA LYS C 136 -13.63 -30.38 -19.38
C LYS C 136 -13.55 -31.81 -19.89
N VAL C 137 -13.46 -32.80 -19.01
CA VAL C 137 -13.40 -34.21 -19.38
C VAL C 137 -14.26 -35.01 -18.42
N SER C 138 -14.68 -36.21 -18.86
CA SER C 138 -15.47 -37.08 -18.01
C SER C 138 -14.62 -37.79 -16.97
N ASP C 139 -13.45 -38.27 -17.36
CA ASP C 139 -12.59 -39.04 -16.46
C ASP C 139 -11.90 -38.12 -15.46
N ILE C 140 -11.93 -38.51 -14.19
CA ILE C 140 -11.24 -37.79 -13.13
C ILE C 140 -9.92 -38.47 -12.74
N SER C 141 -9.50 -39.48 -13.50
CA SER C 141 -8.27 -40.20 -13.20
C SER C 141 -7.02 -39.34 -13.32
N HIS C 142 -7.08 -38.23 -14.06
CA HIS C 142 -5.91 -37.38 -14.25
C HIS C 142 -6.28 -35.91 -14.04
N ILE C 143 -7.14 -35.64 -13.06
CA ILE C 143 -7.57 -34.28 -12.74
C ILE C 143 -7.24 -33.88 -11.31
N ASP C 144 -6.36 -34.62 -10.64
CA ASP C 144 -5.96 -34.24 -9.29
C ASP C 144 -5.26 -32.89 -9.30
N GLY C 145 -5.65 -32.02 -8.36
CA GLY C 145 -5.06 -30.70 -8.26
C GLY C 145 -6.04 -29.60 -7.92
N GLU C 146 -5.78 -28.39 -8.41
CA GLU C 146 -6.68 -27.26 -8.14
C GLU C 146 -8.06 -27.50 -8.74
N ILE C 147 -8.11 -28.09 -9.93
CA ILE C 147 -9.41 -28.44 -10.51
C ILE C 147 -10.11 -29.46 -9.62
N LEU C 148 -9.36 -30.39 -9.05
CA LEU C 148 -9.93 -31.33 -8.09
C LEU C 148 -10.45 -30.59 -6.86
N GLU C 149 -9.74 -29.54 -6.44
CA GLU C 149 -10.21 -28.75 -5.31
C GLU C 149 -11.54 -28.06 -5.63
N GLN C 150 -11.66 -27.51 -6.83
CA GLN C 150 -12.93 -26.92 -7.24
C GLN C 150 -14.03 -27.97 -7.29
N LEU C 151 -13.70 -29.17 -7.79
CA LEU C 151 -14.68 -30.24 -7.86
C LEU C 151 -15.15 -30.68 -6.49
N VAL C 152 -14.23 -30.77 -5.52
CA VAL C 152 -14.64 -31.18 -4.18
C VAL C 152 -15.39 -30.04 -3.47
N SER C 153 -15.09 -28.78 -3.81
CA SER C 153 -15.91 -27.69 -3.31
C SER C 153 -17.34 -27.80 -3.84
N LEU C 154 -17.48 -28.12 -5.13
CA LEU C 154 -18.82 -28.34 -5.70
C LEU C 154 -19.50 -29.53 -5.04
N ALA C 155 -18.75 -30.58 -4.72
CA ALA C 155 -19.32 -31.74 -4.03
C ALA C 155 -19.80 -31.36 -2.63
N LYS C 156 -19.03 -30.51 -1.94
CA LYS C 156 -19.46 -30.03 -0.64
C LYS C 156 -20.74 -29.21 -0.76
N VAL C 157 -20.83 -28.37 -1.80
CA VAL C 157 -22.07 -27.63 -2.04
C VAL C 157 -23.23 -28.59 -2.30
N ASN C 158 -22.98 -29.65 -3.08
CA ASN C 158 -24.02 -30.62 -3.39
C ASN C 158 -24.51 -31.33 -2.13
N ILE C 159 -23.58 -31.74 -1.26
CA ILE C 159 -24.01 -32.44 -0.05
C ILE C 159 -24.70 -31.47 0.92
N LYS C 160 -24.30 -30.20 0.92
CA LYS C 160 -25.00 -29.21 1.74
C LYS C 160 -26.43 -29.01 1.26
N LEU C 161 -26.62 -28.89 -0.05
CA LEU C 161 -27.98 -28.68 -0.56
C LEU C 161 -28.82 -29.94 -0.48
N ARG C 162 -28.17 -31.12 -0.51
CA ARG C 162 -28.90 -32.38 -0.42
C ARG C 162 -29.60 -32.52 0.94
N LYS C 163 -28.93 -32.12 2.01
CA LYS C 163 -29.50 -32.22 3.35
C LYS C 163 -30.64 -31.22 3.54
N VAL D 66 -1.53 -12.37 -45.56
CA VAL D 66 -2.86 -11.82 -45.36
C VAL D 66 -3.71 -12.80 -44.58
N GLU D 67 -3.25 -14.05 -44.48
CA GLU D 67 -3.97 -15.07 -43.74
C GLU D 67 -3.98 -14.79 -42.23
N GLU D 68 -3.02 -14.01 -41.74
CA GLU D 68 -3.06 -13.59 -40.34
C GLU D 68 -4.32 -12.79 -40.05
N ARG D 69 -4.64 -11.83 -40.92
CA ARG D 69 -5.89 -11.10 -40.80
C ARG D 69 -7.09 -12.01 -41.04
N GLU D 70 -6.95 -13.05 -41.85
CA GLU D 70 -8.04 -14.00 -42.04
C GLU D 70 -8.36 -14.72 -40.74
N ARG D 71 -7.33 -15.18 -40.02
CA ARG D 71 -7.56 -15.83 -38.73
C ARG D 71 -8.03 -14.85 -37.67
N ILE D 72 -7.57 -13.59 -37.74
CA ILE D 72 -8.10 -12.55 -36.85
C ILE D 72 -9.60 -12.38 -37.09
N GLU D 73 -10.01 -12.37 -38.36
CA GLU D 73 -11.43 -12.26 -38.68
C GLU D 73 -12.19 -13.50 -38.23
N LYS D 74 -11.55 -14.68 -38.30
CA LYS D 74 -12.14 -15.90 -37.75
C LYS D 74 -12.46 -15.73 -36.27
N GLN D 75 -11.47 -15.27 -35.50
CA GLN D 75 -11.68 -15.05 -34.07
C GLN D 75 -12.71 -13.96 -33.82
N LEU D 76 -12.74 -12.94 -34.68
CA LEU D 76 -13.74 -11.89 -34.58
C LEU D 76 -15.14 -12.47 -34.73
N LEU D 77 -15.33 -13.34 -35.73
CA LEU D 77 -16.62 -13.99 -35.93
C LEU D 77 -16.97 -14.88 -34.74
N LEU D 78 -15.97 -15.58 -34.20
CA LEU D 78 -16.21 -16.45 -33.06
C LEU D 78 -16.74 -15.66 -31.86
N GLU D 79 -16.04 -14.57 -31.51
CA GLU D 79 -16.50 -13.77 -30.38
C GLU D 79 -17.79 -13.03 -30.69
N ALA D 80 -18.04 -12.65 -31.94
CA ALA D 80 -19.30 -12.03 -32.29
C ALA D 80 -20.46 -13.00 -32.12
N GLU D 81 -20.26 -14.26 -32.54
CA GLU D 81 -21.29 -15.27 -32.32
C GLU D 81 -21.51 -15.53 -30.85
N ARG D 82 -20.43 -15.58 -30.06
CA ARG D 82 -20.59 -15.74 -28.61
C ARG D 82 -21.38 -14.59 -28.01
N ILE D 83 -21.07 -13.36 -28.44
CA ILE D 83 -21.78 -12.17 -27.96
C ILE D 83 -23.25 -12.25 -28.34
N ASN D 84 -23.54 -12.63 -29.58
CA ASN D 84 -24.91 -12.72 -30.06
C ASN D 84 -25.69 -13.75 -29.24
N GLU D 85 -25.09 -14.92 -29.02
CA GLU D 85 -25.76 -15.95 -28.23
C GLU D 85 -26.03 -15.47 -26.81
N ILE D 86 -25.03 -14.83 -26.19
CA ILE D 86 -25.17 -14.34 -24.83
C ILE D 86 -26.31 -13.33 -24.78
N ASP D 87 -26.34 -12.40 -25.74
CA ASP D 87 -27.36 -11.36 -25.74
C ASP D 87 -28.76 -11.97 -25.93
N THR D 88 -28.89 -12.90 -26.88
CA THR D 88 -30.19 -13.49 -27.15
C THR D 88 -30.72 -14.26 -25.95
N LEU D 89 -29.84 -15.03 -25.28
CA LEU D 89 -30.31 -15.78 -24.12
C LEU D 89 -30.56 -14.85 -22.93
N ALA D 90 -29.82 -13.74 -22.85
CA ALA D 90 -29.99 -12.82 -21.74
C ALA D 90 -31.30 -12.05 -21.84
N LYS D 91 -31.66 -11.62 -23.06
CA LYS D 91 -32.87 -10.80 -23.24
C LYS D 91 -34.12 -11.53 -22.76
N ALA D 92 -34.21 -12.82 -23.06
CA ALA D 92 -35.37 -13.62 -22.67
C ALA D 92 -35.31 -14.11 -21.23
N HIS D 93 -34.22 -13.84 -20.51
CA HIS D 93 -34.06 -14.35 -19.15
C HIS D 93 -33.96 -13.27 -18.07
N LEU D 94 -33.18 -12.22 -18.28
CA LEU D 94 -32.91 -11.30 -17.17
C LEU D 94 -33.89 -10.13 -17.13
N SER D 95 -33.85 -9.27 -18.15
CA SER D 95 -34.66 -8.06 -18.18
C SER D 95 -34.38 -7.31 -19.47
N ASN D 96 -35.26 -6.38 -19.80
CA ASN D 96 -35.01 -5.45 -20.89
C ASN D 96 -34.15 -4.27 -20.47
N HIS D 97 -33.96 -4.05 -19.16
CA HIS D 97 -33.14 -2.94 -18.69
C HIS D 97 -31.68 -3.11 -19.07
N PHE D 98 -31.22 -4.33 -19.30
CA PHE D 98 -29.84 -4.61 -19.66
C PHE D 98 -29.67 -4.82 -21.16
N ASN D 99 -30.57 -4.26 -21.96
CA ASN D 99 -30.43 -4.33 -23.41
C ASN D 99 -29.20 -3.55 -23.86
N LYS D 100 -28.61 -4.00 -24.97
CA LYS D 100 -27.36 -3.40 -25.45
C LYS D 100 -27.53 -1.91 -25.74
N GLU D 101 -28.70 -1.50 -26.26
CA GLU D 101 -28.89 -0.11 -26.62
C GLU D 101 -28.89 0.79 -25.39
N VAL D 102 -29.68 0.45 -24.37
CA VAL D 102 -29.74 1.28 -23.18
C VAL D 102 -28.42 1.25 -22.40
N LEU D 103 -27.76 0.09 -22.37
CA LEU D 103 -26.46 0.00 -21.72
C LEU D 103 -25.43 0.86 -22.44
N LEU D 104 -25.45 0.88 -23.77
CA LEU D 104 -24.57 1.77 -24.52
C LEU D 104 -24.91 3.23 -24.25
N ALA D 105 -26.20 3.54 -24.13
CA ALA D 105 -26.60 4.90 -23.84
C ALA D 105 -26.10 5.35 -22.47
N LYS D 106 -26.12 4.45 -21.49
CA LYS D 106 -25.61 4.76 -20.16
C LYS D 106 -24.10 4.94 -20.14
N GLY D 107 -23.40 4.58 -21.20
CA GLY D 107 -21.97 4.79 -21.29
C GLY D 107 -21.12 3.62 -20.84
N TYR D 108 -21.40 2.44 -21.39
CA TYR D 108 -20.61 1.25 -21.13
C TYR D 108 -20.05 0.70 -22.43
N THR D 109 -18.79 0.28 -22.40
CA THR D 109 -18.18 -0.31 -23.58
C THR D 109 -18.77 -1.68 -23.86
N LEU D 110 -18.56 -2.15 -25.09
CA LEU D 110 -19.16 -3.42 -25.52
C LEU D 110 -18.67 -4.58 -24.66
N LYS D 111 -17.36 -4.66 -24.41
CA LYS D 111 -16.83 -5.72 -23.56
C LYS D 111 -17.35 -5.59 -22.14
N ASP D 112 -17.46 -4.36 -21.63
CA ASP D 112 -18.03 -4.14 -20.31
C ASP D 112 -19.48 -4.60 -20.27
N ILE D 113 -20.25 -4.30 -21.33
CA ILE D 113 -21.63 -4.75 -21.41
C ILE D 113 -21.70 -6.27 -21.36
N MET D 114 -20.84 -6.93 -22.14
CA MET D 114 -20.87 -8.39 -22.21
C MET D 114 -20.50 -9.01 -20.87
N GLN D 115 -19.47 -8.48 -20.20
CA GLN D 115 -19.08 -9.06 -18.92
C GLN D 115 -20.12 -8.79 -17.84
N ALA D 116 -20.76 -7.61 -17.87
CA ALA D 116 -21.84 -7.33 -16.92
C ALA D 116 -23.01 -8.28 -17.14
N GLN D 117 -23.38 -8.52 -18.41
CA GLN D 117 -24.45 -9.47 -18.69
C GLN D 117 -24.07 -10.87 -18.23
N ARG D 118 -22.81 -11.28 -18.43
CA ARG D 118 -22.37 -12.58 -17.96
C ARG D 118 -22.48 -12.70 -16.44
N ARG D 119 -22.04 -11.66 -15.72
CA ARG D 119 -22.12 -11.69 -14.26
C ARG D 119 -23.56 -11.74 -13.79
N GLU D 120 -24.46 -11.00 -14.45
CA GLU D 120 -25.87 -11.08 -14.10
C GLU D 120 -26.42 -12.48 -14.37
N LEU D 121 -25.99 -13.09 -15.48
CA LEU D 121 -26.39 -14.47 -15.78
C LEU D 121 -25.97 -15.42 -14.67
N VAL D 122 -24.74 -15.27 -14.19
CA VAL D 122 -24.27 -16.10 -13.07
C VAL D 122 -25.10 -15.82 -11.83
N ARG D 123 -25.53 -14.57 -11.64
CA ARG D 123 -26.30 -14.18 -10.47
C ARG D 123 -27.76 -14.62 -10.57
N LYS D 124 -28.11 -15.34 -11.63
CA LYS D 124 -29.48 -15.79 -11.81
C LYS D 124 -29.58 -17.30 -11.75
N PHE D 125 -28.71 -18.00 -12.48
CA PHE D 125 -28.77 -19.45 -12.55
C PHE D 125 -27.85 -20.10 -11.53
N VAL D 126 -26.58 -19.72 -11.53
CA VAL D 126 -25.60 -20.30 -10.61
C VAL D 126 -25.97 -19.92 -9.17
N PRO D 127 -26.13 -20.89 -8.27
CA PRO D 127 -26.42 -20.55 -6.88
C PRO D 127 -25.19 -19.95 -6.20
N ILE D 128 -25.44 -19.23 -5.10
CA ILE D 128 -24.40 -18.43 -4.46
C ILE D 128 -23.30 -19.32 -3.89
N GLU D 129 -23.67 -20.50 -3.39
CA GLU D 129 -22.71 -21.36 -2.71
C GLU D 129 -21.57 -21.78 -3.62
N GLN D 130 -21.89 -22.11 -4.87
CA GLN D 130 -20.84 -22.42 -5.84
C GLN D 130 -19.92 -21.22 -6.07
N ILE D 131 -20.49 -20.01 -6.04
CA ILE D 131 -19.68 -18.81 -6.28
C ILE D 131 -18.64 -18.63 -5.19
N LYS D 132 -19.03 -18.82 -3.93
CA LYS D 132 -18.07 -18.66 -2.84
C LYS D 132 -17.20 -19.89 -2.64
N ALA D 133 -17.40 -20.96 -3.41
CA ALA D 133 -16.57 -22.14 -3.30
C ALA D 133 -15.74 -22.34 -4.55
N ILE D 134 -16.40 -22.43 -5.72
CA ILE D 134 -15.66 -22.60 -6.97
C ILE D 134 -14.93 -21.32 -7.35
N ALA D 135 -15.62 -20.17 -7.25
CA ALA D 135 -15.00 -18.90 -7.56
C ALA D 135 -14.35 -18.24 -6.35
N LYS D 136 -14.48 -18.84 -5.17
CA LYS D 136 -13.77 -18.46 -3.95
C LYS D 136 -14.22 -17.12 -3.38
N VAL D 137 -15.13 -16.41 -4.06
CA VAL D 137 -15.63 -15.13 -3.57
C VAL D 137 -17.13 -15.09 -3.81
N SER D 138 -17.85 -14.44 -2.88
CA SER D 138 -19.28 -14.27 -3.05
C SER D 138 -19.59 -13.24 -4.12
N ASP D 139 -18.80 -12.17 -4.20
CA ASP D 139 -19.03 -11.08 -5.14
C ASP D 139 -18.42 -11.43 -6.49
N ILE D 140 -19.28 -11.56 -7.51
CA ILE D 140 -18.79 -11.77 -8.87
C ILE D 140 -18.25 -10.46 -9.45
N SER D 141 -18.31 -9.37 -8.67
CA SER D 141 -17.86 -8.07 -9.15
C SER D 141 -16.43 -8.07 -9.64
N HIS D 142 -15.52 -8.78 -8.96
CA HIS D 142 -14.15 -8.96 -9.44
C HIS D 142 -13.77 -10.43 -9.34
N ILE D 143 -14.17 -11.22 -10.34
CA ILE D 143 -13.71 -12.59 -10.46
C ILE D 143 -13.36 -12.88 -11.91
N ASP D 144 -13.57 -11.88 -12.78
CA ASP D 144 -13.53 -12.06 -14.24
C ASP D 144 -12.29 -12.80 -14.72
N GLY D 145 -12.48 -13.60 -15.78
CA GLY D 145 -11.43 -14.45 -16.32
C GLY D 145 -11.94 -15.85 -16.58
N GLU D 146 -11.02 -16.82 -16.47
CA GLU D 146 -11.39 -18.21 -16.67
C GLU D 146 -12.41 -18.69 -15.63
N ILE D 147 -12.33 -18.15 -14.42
CA ILE D 147 -13.32 -18.49 -13.40
C ILE D 147 -14.70 -18.02 -13.85
N LEU D 148 -14.77 -16.85 -14.47
CA LEU D 148 -16.03 -16.39 -15.03
C LEU D 148 -16.51 -17.32 -16.14
N GLU D 149 -15.58 -17.87 -16.92
CA GLU D 149 -15.95 -18.84 -17.94
C GLU D 149 -16.56 -20.09 -17.31
N GLN D 150 -15.96 -20.58 -16.24
CA GLN D 150 -16.53 -21.72 -15.53
C GLN D 150 -17.90 -21.39 -14.98
N LEU D 151 -18.06 -20.18 -14.44
CA LEU D 151 -19.34 -19.76 -13.89
C LEU D 151 -20.42 -19.71 -14.96
N VAL D 152 -20.10 -19.16 -16.14
CA VAL D 152 -21.11 -19.07 -17.19
C VAL D 152 -21.41 -20.44 -17.77
N SER D 153 -20.41 -21.33 -17.78
CA SER D 153 -20.67 -22.72 -18.18
C SER D 153 -21.64 -23.39 -17.22
N LEU D 154 -21.44 -23.19 -15.92
CA LEU D 154 -22.36 -23.74 -14.93
C LEU D 154 -23.75 -23.13 -15.08
N ALA D 155 -23.81 -21.83 -15.40
CA ALA D 155 -25.10 -21.19 -15.65
C ALA D 155 -25.79 -21.79 -16.86
N LYS D 156 -25.03 -22.09 -17.91
CA LYS D 156 -25.60 -22.77 -19.07
C LYS D 156 -26.16 -24.14 -18.69
N VAL D 157 -25.41 -24.88 -17.86
CA VAL D 157 -25.91 -26.17 -17.40
C VAL D 157 -27.20 -25.99 -16.61
N ASN D 158 -27.24 -24.97 -15.75
CA ASN D 158 -28.42 -24.72 -14.92
C ASN D 158 -29.63 -24.37 -15.77
N ILE D 159 -29.46 -23.51 -16.77
CA ILE D 159 -30.60 -23.16 -17.63
C ILE D 159 -31.00 -24.34 -18.50
N LYS D 160 -30.04 -25.21 -18.86
CA LYS D 160 -30.39 -26.43 -19.57
C LYS D 160 -31.27 -27.33 -18.72
N LEU D 161 -30.90 -27.52 -17.44
CA LEU D 161 -31.72 -28.37 -16.58
C LEU D 161 -32.98 -27.65 -16.11
N ARG D 162 -33.01 -26.32 -16.20
CA ARG D 162 -34.18 -25.55 -15.79
C ARG D 162 -35.31 -25.70 -16.79
#